data_2JTA
#
_entry.id   2JTA
#
_cell.length_a   1.000
_cell.length_b   1.000
_cell.length_c   1.000
_cell.angle_alpha   90.00
_cell.angle_beta   90.00
_cell.angle_gamma   90.00
#
_symmetry.space_group_name_H-M   'P 1'
#
_entity_poly.entity_id   1
_entity_poly.type   'polypeptide(L)'
_entity_poly.pdbx_seq_one_letter_code
;LEDGRTLSDY
;
_entity_poly.pdbx_strand_id   A
#
# COMPACT_ATOMS: atom_id res chain seq x y z
N LEU A 1 4.76 0.09 -4.41
CA LEU A 1 5.35 -0.65 -3.26
C LEU A 1 4.44 -1.80 -2.81
N GLU A 2 3.48 -1.50 -1.94
CA GLU A 2 2.56 -2.52 -1.44
C GLU A 2 1.29 -1.89 -0.89
N ASP A 3 0.16 -2.57 -1.06
CA ASP A 3 -1.08 -2.07 -0.51
C ASP A 3 -1.01 -2.23 0.99
N GLY A 4 -0.34 -3.30 1.42
CA GLY A 4 -0.14 -3.52 2.83
C GLY A 4 0.68 -2.39 3.39
N ARG A 5 1.55 -1.85 2.54
CA ARG A 5 2.38 -0.72 2.92
C ARG A 5 1.46 0.43 3.28
N THR A 6 0.38 0.54 2.53
CA THR A 6 -0.65 1.56 2.73
C THR A 6 -1.78 1.33 1.73
N LEU A 7 -2.88 0.73 2.22
CA LEU A 7 -4.04 0.42 1.39
C LEU A 7 -4.21 1.36 0.21
N SER A 8 -4.33 0.78 -0.99
CA SER A 8 -4.49 1.55 -2.21
C SER A 8 -3.63 2.80 -2.22
N ASP A 9 -2.46 2.70 -1.60
CA ASP A 9 -1.55 3.83 -1.51
C ASP A 9 -0.11 3.41 -1.78
N TYR A 10 0.42 2.59 -0.87
CA TYR A 10 1.79 2.09 -0.99
C TYR A 10 2.79 3.18 -0.65
N LEU A 1 4.77 0.07 -4.38
CA LEU A 1 5.38 -0.67 -3.25
C LEU A 1 4.47 -1.81 -2.79
N GLU A 2 3.50 -1.51 -1.93
CA GLU A 2 2.59 -2.53 -1.42
C GLU A 2 1.31 -1.90 -0.87
N ASP A 3 0.19 -2.57 -1.07
CA ASP A 3 -1.07 -2.06 -0.53
C ASP A 3 -1.01 -2.22 0.98
N GLY A 4 -0.36 -3.30 1.41
CA GLY A 4 -0.17 -3.51 2.82
C GLY A 4 0.66 -2.39 3.40
N ARG A 5 1.53 -1.85 2.54
CA ARG A 5 2.37 -0.74 2.92
C ARG A 5 1.47 0.43 3.27
N THR A 6 0.38 0.54 2.51
CA THR A 6 -0.63 1.57 2.72
C THR A 6 -1.77 1.34 1.74
N LEU A 7 -2.86 0.74 2.22
CA LEU A 7 -4.03 0.42 1.40
C LEU A 7 -4.21 1.36 0.22
N SER A 8 -4.34 0.78 -0.97
CA SER A 8 -4.53 1.55 -2.20
C SER A 8 -3.66 2.79 -2.22
N ASP A 9 -2.49 2.70 -1.60
CA ASP A 9 -1.58 3.83 -1.52
C ASP A 9 -0.13 3.41 -1.77
N TYR A 10 0.39 2.59 -0.86
CA TYR A 10 1.75 2.10 -0.96
C TYR A 10 2.75 3.20 -0.61
N LEU A 1 4.76 0.08 -4.40
CA LEU A 1 5.36 -0.65 -3.24
C LEU A 1 4.46 -1.81 -2.79
N GLU A 2 3.48 -1.50 -1.94
CA GLU A 2 2.57 -2.52 -1.43
C GLU A 2 1.30 -1.89 -0.88
N ASP A 3 0.16 -2.57 -1.06
CA ASP A 3 -1.08 -2.07 -0.51
C ASP A 3 -1.01 -2.23 0.99
N GLY A 4 -0.35 -3.31 1.43
CA GLY A 4 -0.15 -3.52 2.83
C GLY A 4 0.67 -2.39 3.40
N ARG A 5 1.54 -1.84 2.54
CA ARG A 5 2.37 -0.73 2.92
C ARG A 5 1.46 0.44 3.27
N THR A 6 0.37 0.55 2.52
CA THR A 6 -0.64 1.57 2.73
C THR A 6 -1.78 1.34 1.74
N LEU A 7 -2.87 0.73 2.22
CA LEU A 7 -4.04 0.41 1.39
C LEU A 7 -4.21 1.36 0.21
N SER A 8 -4.32 0.77 -0.98
CA SER A 8 -4.50 1.54 -2.21
C SER A 8 -3.63 2.80 -2.22
N ASP A 9 -2.46 2.70 -1.60
CA ASP A 9 -1.55 3.83 -1.51
C ASP A 9 -0.11 3.42 -1.77
N TYR A 10 0.41 2.60 -0.87
CA TYR A 10 1.78 2.10 -0.97
C TYR A 10 2.78 3.20 -0.63
N LEU A 1 4.77 0.19 -4.29
CA LEU A 1 5.37 -0.66 -3.23
C LEU A 1 4.43 -1.79 -2.83
N GLU A 2 3.51 -1.51 -1.91
CA GLU A 2 2.55 -2.52 -1.45
C GLU A 2 1.29 -1.89 -0.89
N ASP A 3 0.16 -2.55 -1.06
CA ASP A 3 -1.09 -2.05 -0.51
C ASP A 3 -1.01 -2.22 0.99
N GLY A 4 -0.34 -3.29 1.41
CA GLY A 4 -0.13 -3.52 2.82
C GLY A 4 0.67 -2.40 3.39
N ARG A 5 1.55 -1.85 2.55
CA ARG A 5 2.37 -0.73 2.94
C ARG A 5 1.47 0.43 3.29
N THR A 6 0.38 0.54 2.52
CA THR A 6 -0.63 1.56 2.72
C THR A 6 -1.78 1.32 1.73
N LEU A 7 -2.87 0.74 2.22
CA LEU A 7 -4.04 0.42 1.39
C LEU A 7 -4.21 1.36 0.21
N SER A 8 -4.34 0.77 -0.98
CA SER A 8 -4.52 1.53 -2.22
C SER A 8 -3.66 2.79 -2.23
N ASP A 9 -2.49 2.70 -1.61
CA ASP A 9 -1.58 3.84 -1.53
C ASP A 9 -0.14 3.42 -1.76
N TYR A 10 0.37 2.62 -0.83
CA TYR A 10 1.74 2.13 -0.91
C TYR A 10 2.73 3.23 -0.55
N LEU A 1 4.76 0.15 -4.37
CA LEU A 1 5.34 -0.65 -3.27
C LEU A 1 4.41 -1.80 -2.84
N GLU A 2 3.49 -1.52 -1.92
CA GLU A 2 2.55 -2.52 -1.45
C GLU A 2 1.29 -1.88 -0.88
N ASP A 3 0.15 -2.56 -1.06
CA ASP A 3 -1.08 -2.06 -0.50
C ASP A 3 -1.01 -2.22 1.01
N GLY A 4 -0.34 -3.30 1.42
CA GLY A 4 -0.13 -3.53 2.82
C GLY A 4 0.68 -2.39 3.40
N ARG A 5 1.56 -1.85 2.55
CA ARG A 5 2.38 -0.72 2.92
C ARG A 5 1.46 0.43 3.28
N THR A 6 0.38 0.54 2.52
CA THR A 6 -0.64 1.55 2.72
C THR A 6 -1.78 1.33 1.73
N LEU A 7 -2.86 0.73 2.21
CA LEU A 7 -4.03 0.40 1.38
C LEU A 7 -4.20 1.35 0.21
N SER A 8 -4.33 0.78 -0.99
CA SER A 8 -4.51 1.55 -2.22
C SER A 8 -3.64 2.80 -2.22
N ASP A 9 -2.47 2.70 -1.60
CA ASP A 9 -1.56 3.84 -1.52
C ASP A 9 -0.12 3.41 -1.76
N TYR A 10 0.40 2.60 -0.85
CA TYR A 10 1.76 2.10 -0.95
C TYR A 10 2.76 3.20 -0.60
N LEU A 1 4.77 0.14 -4.37
CA LEU A 1 5.36 -0.64 -3.25
C LEU A 1 4.45 -1.78 -2.82
N GLU A 2 3.50 -1.50 -1.91
CA GLU A 2 2.58 -2.52 -1.44
C GLU A 2 1.30 -1.89 -0.89
N ASP A 3 0.18 -2.57 -1.06
CA ASP A 3 -1.08 -2.09 -0.52
C ASP A 3 -1.01 -2.23 0.99
N GLY A 4 -0.35 -3.31 1.41
CA GLY A 4 -0.15 -3.53 2.82
C GLY A 4 0.67 -2.40 3.39
N ARG A 5 1.55 -1.85 2.54
CA ARG A 5 2.38 -0.73 2.92
C ARG A 5 1.47 0.43 3.27
N THR A 6 0.38 0.53 2.52
CA THR A 6 -0.64 1.55 2.72
C THR A 6 -1.78 1.33 1.73
N LEU A 7 -2.89 0.76 2.23
CA LEU A 7 -4.06 0.45 1.41
C LEU A 7 -4.21 1.38 0.21
N SER A 8 -4.35 0.78 -0.97
CA SER A 8 -4.52 1.53 -2.22
C SER A 8 -3.66 2.79 -2.23
N ASP A 9 -2.48 2.70 -1.61
CA ASP A 9 -1.57 3.83 -1.53
C ASP A 9 -0.13 3.41 -1.77
N TYR A 10 0.38 2.60 -0.85
CA TYR A 10 1.75 2.10 -0.93
C TYR A 10 2.74 3.21 -0.58
N LEU A 1 4.75 0.03 -4.44
CA LEU A 1 5.37 -0.64 -3.27
C LEU A 1 4.51 -1.80 -2.77
N GLU A 2 3.50 -1.49 -1.96
CA GLU A 2 2.62 -2.52 -1.41
C GLU A 2 1.33 -1.90 -0.87
N ASP A 3 0.21 -2.60 -1.07
CA ASP A 3 -1.05 -2.12 -0.54
C ASP A 3 -1.00 -2.26 0.97
N GLY A 4 -0.35 -3.32 1.41
CA GLY A 4 -0.17 -3.52 2.83
C GLY A 4 0.66 -2.39 3.39
N ARG A 5 1.54 -1.86 2.53
CA ARG A 5 2.37 -0.74 2.90
C ARG A 5 1.46 0.43 3.27
N THR A 6 0.37 0.54 2.51
CA THR A 6 -0.65 1.56 2.72
C THR A 6 -1.79 1.32 1.74
N LEU A 7 -2.91 0.81 2.26
CA LEU A 7 -4.09 0.49 1.44
C LEU A 7 -4.23 1.41 0.23
N SER A 8 -4.35 0.79 -0.95
CA SER A 8 -4.50 1.52 -2.20
C SER A 8 -3.62 2.77 -2.23
N ASP A 9 -2.46 2.69 -1.59
CA ASP A 9 -1.55 3.81 -1.52
C ASP A 9 -0.12 3.39 -1.78
N TYR A 10 0.42 2.57 -0.88
CA TYR A 10 1.78 2.07 -1.01
C TYR A 10 2.78 3.17 -0.66
N LEU A 1 4.78 0.05 -4.47
CA LEU A 1 5.35 -0.66 -3.29
C LEU A 1 4.45 -1.82 -2.84
N GLU A 2 3.50 -1.52 -1.96
CA GLU A 2 2.59 -2.55 -1.44
C GLU A 2 1.31 -1.93 -0.89
N ASP A 3 0.19 -2.61 -1.08
CA ASP A 3 -1.07 -2.13 -0.52
C ASP A 3 -0.99 -2.27 0.98
N GLY A 4 -0.30 -3.34 1.41
CA GLY A 4 -0.10 -3.53 2.83
C GLY A 4 0.70 -2.39 3.38
N ARG A 5 1.56 -1.83 2.53
CA ARG A 5 2.36 -0.69 2.92
C ARG A 5 1.42 0.44 3.31
N THR A 6 0.36 0.56 2.52
CA THR A 6 -0.68 1.55 2.73
C THR A 6 -1.81 1.31 1.75
N LEU A 7 -2.93 0.79 2.25
CA LEU A 7 -4.10 0.47 1.41
C LEU A 7 -4.24 1.41 0.23
N SER A 8 -4.35 0.81 -0.97
CA SER A 8 -4.50 1.58 -2.21
C SER A 8 -3.58 2.79 -2.23
N ASP A 9 -2.43 2.68 -1.59
CA ASP A 9 -1.48 3.77 -1.53
C ASP A 9 -0.07 3.32 -1.88
N TYR A 10 0.50 2.50 -0.99
CA TYR A 10 1.84 1.97 -1.18
C TYR A 10 2.88 3.05 -0.90
N LEU A 1 4.76 0.12 -4.36
CA LEU A 1 5.36 -0.66 -3.25
C LEU A 1 4.44 -1.80 -2.81
N GLU A 2 3.49 -1.51 -1.92
CA GLU A 2 2.56 -2.52 -1.42
C GLU A 2 1.30 -1.88 -0.87
N ASP A 3 0.16 -2.54 -1.06
CA ASP A 3 -1.09 -2.05 -0.51
C ASP A 3 -1.01 -2.22 0.99
N GLY A 4 -0.35 -3.29 1.42
CA GLY A 4 -0.16 -3.52 2.82
C GLY A 4 0.66 -2.40 3.40
N ARG A 5 1.54 -1.86 2.55
CA ARG A 5 2.37 -0.75 2.94
C ARG A 5 1.47 0.43 3.29
N THR A 6 0.39 0.54 2.51
CA THR A 6 -0.63 1.56 2.70
C THR A 6 -1.76 1.33 1.72
N LEU A 7 -2.86 0.75 2.22
CA LEU A 7 -4.04 0.42 1.39
C LEU A 7 -4.21 1.36 0.21
N SER A 8 -4.34 0.77 -0.98
CA SER A 8 -4.52 1.53 -2.22
C SER A 8 -3.67 2.79 -2.24
N ASP A 9 -2.50 2.71 -1.62
CA ASP A 9 -1.59 3.84 -1.55
C ASP A 9 -0.14 3.43 -1.79
N TYR A 10 0.38 2.62 -0.88
CA TYR A 10 1.74 2.13 -0.98
C TYR A 10 2.73 3.23 -0.64
N LEU A 1 4.72 0.21 -4.31
CA LEU A 1 5.33 -0.64 -3.25
C LEU A 1 4.40 -1.77 -2.86
N GLU A 2 3.48 -1.50 -1.92
CA GLU A 2 2.54 -2.51 -1.45
C GLU A 2 1.28 -1.88 -0.89
N ASP A 3 0.15 -2.53 -1.07
CA ASP A 3 -1.10 -2.03 -0.50
C ASP A 3 -1.02 -2.21 0.99
N GLY A 4 -0.35 -3.29 1.41
CA GLY A 4 -0.14 -3.52 2.81
C GLY A 4 0.67 -2.40 3.39
N ARG A 5 1.55 -1.86 2.55
CA ARG A 5 2.38 -0.74 2.93
C ARG A 5 1.47 0.43 3.29
N THR A 6 0.38 0.54 2.52
CA THR A 6 -0.64 1.55 2.72
C THR A 6 -1.77 1.32 1.74
N LEU A 7 -2.88 0.76 2.24
CA LEU A 7 -4.05 0.43 1.41
C LEU A 7 -4.21 1.36 0.21
N SER A 8 -4.28 0.75 -0.98
CA SER A 8 -4.45 1.49 -2.22
C SER A 8 -3.62 2.77 -2.24
N ASP A 9 -2.49 2.72 -1.57
CA ASP A 9 -1.60 3.87 -1.48
C ASP A 9 -0.15 3.48 -1.71
N TYR A 10 0.34 2.62 -0.82
CA TYR A 10 1.71 2.13 -0.90
C TYR A 10 2.70 3.23 -0.54
N LEU A 1 4.74 0.20 -4.30
CA LEU A 1 5.35 -0.64 -3.23
C LEU A 1 4.42 -1.79 -2.83
N GLU A 2 3.49 -1.51 -1.91
CA GLU A 2 2.55 -2.52 -1.44
C GLU A 2 1.29 -1.88 -0.88
N ASP A 3 0.14 -2.54 -1.07
CA ASP A 3 -1.10 -2.04 -0.51
C ASP A 3 -1.02 -2.21 0.99
N GLY A 4 -0.35 -3.29 1.41
CA GLY A 4 -0.13 -3.52 2.82
C GLY A 4 0.67 -2.40 3.39
N ARG A 5 1.55 -1.86 2.55
CA ARG A 5 2.39 -0.73 2.93
C ARG A 5 1.46 0.43 3.28
N THR A 6 0.38 0.54 2.52
CA THR A 6 -0.64 1.55 2.72
C THR A 6 -1.78 1.31 1.73
N LEU A 7 -2.88 0.75 2.23
CA LEU A 7 -4.05 0.42 1.40
C LEU A 7 -4.21 1.36 0.22
N SER A 8 -4.31 0.77 -0.98
CA SER A 8 -4.47 1.51 -2.22
C SER A 8 -3.64 2.79 -2.23
N ASP A 9 -2.49 2.72 -1.56
CA ASP A 9 -1.60 3.87 -1.48
C ASP A 9 -0.16 3.46 -1.72
N TYR A 10 0.34 2.60 -0.84
CA TYR A 10 1.70 2.10 -0.93
C TYR A 10 2.71 3.21 -0.59
N LEU A 1 4.69 0.04 -4.53
CA LEU A 1 5.30 -0.64 -3.36
C LEU A 1 4.42 -1.79 -2.86
N GLU A 2 3.44 -1.48 -2.01
CA GLU A 2 2.54 -2.50 -1.47
C GLU A 2 1.28 -1.89 -0.90
N ASP A 3 0.16 -2.59 -1.06
CA ASP A 3 -1.09 -2.12 -0.49
C ASP A 3 -0.99 -2.26 1.02
N GLY A 4 -0.31 -3.33 1.44
CA GLY A 4 -0.09 -3.55 2.84
C GLY A 4 0.71 -2.41 3.40
N ARG A 5 1.56 -1.83 2.54
CA ARG A 5 2.36 -0.70 2.92
C ARG A 5 1.43 0.43 3.32
N THR A 6 0.36 0.55 2.53
CA THR A 6 -0.67 1.54 2.73
C THR A 6 -1.79 1.30 1.74
N LEU A 7 -2.92 0.78 2.24
CA LEU A 7 -4.07 0.46 1.40
C LEU A 7 -4.23 1.39 0.21
N SER A 8 -4.30 0.80 -0.98
CA SER A 8 -4.45 1.55 -2.23
C SER A 8 -3.55 2.78 -2.24
N ASP A 9 -2.41 2.69 -1.58
CA ASP A 9 -1.48 3.80 -1.50
C ASP A 9 -0.06 3.37 -1.83
N TYR A 10 0.51 2.55 -0.94
CA TYR A 10 1.86 2.05 -1.12
C TYR A 10 2.89 3.14 -0.84
N LEU A 1 4.77 0.05 -4.33
CA LEU A 1 5.41 -0.72 -3.23
C LEU A 1 4.52 -1.87 -2.76
N GLU A 2 3.54 -1.55 -1.92
CA GLU A 2 2.62 -2.56 -1.39
C GLU A 2 1.34 -1.92 -0.86
N ASP A 3 0.21 -2.58 -1.08
CA ASP A 3 -1.04 -2.08 -0.55
C ASP A 3 -1.00 -2.22 0.96
N GLY A 4 -0.36 -3.30 1.41
CA GLY A 4 -0.19 -3.50 2.83
C GLY A 4 0.64 -2.38 3.39
N ARG A 5 1.52 -1.85 2.54
CA ARG A 5 2.37 -0.74 2.92
C ARG A 5 1.47 0.44 3.27
N THR A 6 0.38 0.54 2.52
CA THR A 6 -0.62 1.58 2.72
C THR A 6 -1.77 1.34 1.73
N LEU A 7 -2.85 0.73 2.21
CA LEU A 7 -4.02 0.40 1.38
C LEU A 7 -4.20 1.36 0.22
N SER A 8 -4.40 0.80 -0.96
CA SER A 8 -4.60 1.58 -2.19
C SER A 8 -3.71 2.82 -2.21
N ASP A 9 -2.53 2.71 -1.64
CA ASP A 9 -1.60 3.82 -1.57
C ASP A 9 -0.17 3.40 -1.80
N TYR A 10 0.35 2.60 -0.87
CA TYR A 10 1.71 2.09 -0.96
C TYR A 10 2.71 3.20 -0.60
N LEU A 1 6.14 -1.16 -4.55
CA LEU A 1 5.61 -0.94 -3.17
C LEU A 1 4.56 -1.99 -2.82
N GLU A 2 3.70 -1.69 -1.85
CA GLU A 2 2.67 -2.64 -1.42
C GLU A 2 1.41 -1.93 -0.94
N ASP A 3 0.27 -2.59 -1.10
CA ASP A 3 -0.98 -2.04 -0.60
C ASP A 3 -0.98 -2.18 0.90
N GLY A 4 -0.37 -3.27 1.36
CA GLY A 4 -0.22 -3.48 2.78
C GLY A 4 0.60 -2.36 3.37
N ARG A 5 1.52 -1.85 2.55
CA ARG A 5 2.35 -0.74 2.95
C ARG A 5 1.45 0.44 3.28
N THR A 6 0.38 0.56 2.51
CA THR A 6 -0.63 1.60 2.70
C THR A 6 -1.79 1.37 1.73
N LEU A 7 -2.86 0.76 2.25
CA LEU A 7 -4.05 0.44 1.45
C LEU A 7 -4.26 1.38 0.27
N SER A 8 -4.43 0.80 -0.92
CA SER A 8 -4.65 1.56 -2.14
C SER A 8 -3.79 2.81 -2.19
N ASP A 9 -2.60 2.72 -1.62
CA ASP A 9 -1.69 3.87 -1.58
C ASP A 9 -0.24 3.44 -1.76
N TYR A 10 0.23 2.62 -0.83
CA TYR A 10 1.59 2.12 -0.85
C TYR A 10 2.59 3.21 -0.46
N LEU A 1 6.00 -1.11 -4.68
CA LEU A 1 5.56 -0.96 -3.26
C LEU A 1 4.50 -2.00 -2.89
N GLU A 2 3.72 -1.72 -1.86
CA GLU A 2 2.68 -2.66 -1.41
C GLU A 2 1.43 -1.94 -0.93
N ASP A 3 0.28 -2.59 -1.10
CA ASP A 3 -0.97 -2.03 -0.62
C ASP A 3 -0.98 -2.17 0.88
N GLY A 4 -0.37 -3.26 1.35
CA GLY A 4 -0.24 -3.46 2.77
C GLY A 4 0.58 -2.35 3.36
N ARG A 5 1.51 -1.84 2.55
CA ARG A 5 2.35 -0.74 2.96
C ARG A 5 1.46 0.45 3.28
N THR A 6 0.37 0.56 2.53
CA THR A 6 -0.62 1.61 2.71
C THR A 6 -1.79 1.39 1.74
N LEU A 7 -2.85 0.75 2.25
CA LEU A 7 -4.04 0.42 1.45
C LEU A 7 -4.24 1.37 0.27
N SER A 8 -4.43 0.79 -0.90
CA SER A 8 -4.66 1.55 -2.14
C SER A 8 -3.81 2.81 -2.19
N ASP A 9 -2.60 2.73 -1.63
CA ASP A 9 -1.70 3.87 -1.59
C ASP A 9 -0.25 3.43 -1.77
N TYR A 10 0.21 2.63 -0.82
CA TYR A 10 1.57 2.13 -0.83
C TYR A 10 2.57 3.22 -0.42
N LEU A 1 5.76 -0.99 -4.87
CA LEU A 1 5.45 -0.93 -3.41
C LEU A 1 4.37 -1.95 -3.04
N GLU A 2 3.71 -1.74 -1.90
CA GLU A 2 2.68 -2.66 -1.45
C GLU A 2 1.42 -1.93 -0.98
N ASP A 3 0.29 -2.59 -1.10
CA ASP A 3 -0.97 -2.03 -0.61
C ASP A 3 -0.97 -2.16 0.89
N GLY A 4 -0.36 -3.26 1.36
CA GLY A 4 -0.23 -3.47 2.78
C GLY A 4 0.58 -2.35 3.38
N ARG A 5 1.50 -1.84 2.56
CA ARG A 5 2.34 -0.73 2.96
C ARG A 5 1.44 0.45 3.31
N THR A 6 0.37 0.57 2.53
CA THR A 6 -0.63 1.61 2.72
C THR A 6 -1.79 1.38 1.76
N LEU A 7 -2.86 0.74 2.25
CA LEU A 7 -4.04 0.42 1.45
C LEU A 7 -4.25 1.37 0.27
N SER A 8 -4.42 0.78 -0.92
CA SER A 8 -4.63 1.55 -2.14
C SER A 8 -3.79 2.81 -2.19
N ASP A 9 -2.60 2.73 -1.60
CA ASP A 9 -1.70 3.89 -1.56
C ASP A 9 -0.25 3.47 -1.72
N TYR A 10 0.23 2.67 -0.79
CA TYR A 10 1.60 2.17 -0.80
C TYR A 10 2.57 3.27 -0.39
N LEU A 1 5.63 -1.02 -5.02
CA LEU A 1 5.38 -0.89 -3.56
C LEU A 1 4.38 -1.95 -3.09
N GLU A 2 3.72 -1.69 -1.95
CA GLU A 2 2.74 -2.63 -1.40
C GLU A 2 1.47 -1.93 -0.94
N ASP A 3 0.34 -2.63 -1.09
CA ASP A 3 -0.93 -2.09 -0.63
C ASP A 3 -0.94 -2.21 0.89
N GLY A 4 -0.37 -3.29 1.37
CA GLY A 4 -0.25 -3.48 2.80
C GLY A 4 0.57 -2.37 3.38
N ARG A 5 1.50 -1.87 2.56
CA ARG A 5 2.35 -0.76 2.95
C ARG A 5 1.45 0.44 3.27
N THR A 6 0.36 0.54 2.51
CA THR A 6 -0.63 1.58 2.69
C THR A 6 -1.79 1.35 1.73
N LEU A 7 -2.90 0.83 2.27
CA LEU A 7 -4.10 0.51 1.48
C LEU A 7 -4.28 1.43 0.28
N SER A 8 -4.48 0.83 -0.89
CA SER A 8 -4.69 1.56 -2.13
C SER A 8 -3.81 2.80 -2.22
N ASP A 9 -2.62 2.71 -1.65
CA ASP A 9 -1.70 3.85 -1.66
C ASP A 9 -0.26 3.41 -1.80
N TYR A 10 0.19 2.62 -0.82
CA TYR A 10 1.55 2.10 -0.80
C TYR A 10 2.53 3.20 -0.40
N LEU A 1 4.82 -0.06 -4.54
CA LEU A 1 5.28 -0.59 -3.22
C LEU A 1 4.44 -1.80 -2.77
N GLU A 2 3.42 -1.54 -1.97
CA GLU A 2 2.54 -2.59 -1.47
C GLU A 2 1.25 -2.01 -0.93
N ASP A 3 0.12 -2.66 -1.20
CA ASP A 3 -1.14 -2.18 -0.69
C ASP A 3 -1.12 -2.29 0.83
N GLY A 4 -0.39 -3.28 1.32
CA GLY A 4 -0.23 -3.44 2.74
C GLY A 4 0.58 -2.30 3.29
N ARG A 5 1.43 -1.73 2.43
CA ARG A 5 2.26 -0.61 2.80
C ARG A 5 1.39 0.50 3.38
N THR A 6 0.28 0.74 2.70
CA THR A 6 -0.68 1.75 3.11
C THR A 6 -1.91 1.70 2.20
N LEU A 7 -2.65 0.60 2.29
CA LEU A 7 -3.84 0.41 1.46
C LEU A 7 -3.52 0.72 0.00
N SER A 8 -4.54 1.05 -0.80
CA SER A 8 -4.33 1.36 -2.20
C SER A 8 -3.58 2.68 -2.34
N ASP A 9 -2.40 2.73 -1.76
CA ASP A 9 -1.57 3.93 -1.78
C ASP A 9 -0.12 3.57 -1.59
N TYR A 10 0.17 3.00 -0.42
CA TYR A 10 1.51 2.56 -0.08
C TYR A 10 2.36 3.72 0.42
N LEU A 1 4.94 -0.14 -4.53
CA LEU A 1 5.33 -0.61 -3.17
C LEU A 1 4.47 -1.80 -2.74
N GLU A 2 3.42 -1.53 -1.95
CA GLU A 2 2.54 -2.58 -1.46
C GLU A 2 1.24 -1.98 -0.94
N ASP A 3 0.11 -2.63 -1.21
CA ASP A 3 -1.16 -2.15 -0.69
C ASP A 3 -1.14 -2.28 0.82
N GLY A 4 -0.40 -3.27 1.31
CA GLY A 4 -0.26 -3.43 2.73
C GLY A 4 0.57 -2.30 3.29
N ARG A 5 1.42 -1.74 2.43
CA ARG A 5 2.27 -0.62 2.82
C ARG A 5 1.41 0.48 3.40
N THR A 6 0.30 0.74 2.72
CA THR A 6 -0.66 1.75 3.15
C THR A 6 -1.88 1.72 2.23
N LEU A 7 -2.61 0.61 2.27
CA LEU A 7 -3.79 0.42 1.43
C LEU A 7 -3.49 0.81 -0.02
N SER A 8 -4.53 0.94 -0.84
CA SER A 8 -4.34 1.31 -2.22
C SER A 8 -3.66 2.66 -2.32
N ASP A 9 -2.38 2.66 -2.03
CA ASP A 9 -1.57 3.86 -2.03
C ASP A 9 -0.11 3.52 -1.82
N TYR A 10 0.17 2.96 -0.64
CA TYR A 10 1.51 2.55 -0.27
C TYR A 10 2.34 3.73 0.23
N LEU A 1 4.89 -0.14 -4.55
CA LEU A 1 5.35 -0.66 -3.22
C LEU A 1 4.48 -1.82 -2.74
N GLU A 2 3.42 -1.51 -1.98
CA GLU A 2 2.52 -2.53 -1.46
C GLU A 2 1.23 -1.91 -0.95
N ASP A 3 0.11 -2.58 -1.18
CA ASP A 3 -1.17 -2.09 -0.68
C ASP A 3 -1.18 -2.25 0.82
N GLY A 4 -0.42 -3.23 1.30
CA GLY A 4 -0.31 -3.43 2.72
C GLY A 4 0.54 -2.35 3.31
N ARG A 5 1.40 -1.77 2.47
CA ARG A 5 2.28 -0.70 2.90
C ARG A 5 1.44 0.45 3.43
N THR A 6 0.34 0.72 2.73
CA THR A 6 -0.60 1.75 3.10
C THR A 6 -1.82 1.73 2.19
N LEU A 7 -2.57 0.63 2.25
CA LEU A 7 -3.76 0.44 1.43
C LEU A 7 -3.48 0.81 -0.02
N SER A 8 -4.53 0.89 -0.83
CA SER A 8 -4.38 1.25 -2.24
C SER A 8 -3.73 2.61 -2.36
N ASP A 9 -2.44 2.65 -2.11
CA ASP A 9 -1.67 3.87 -2.14
C ASP A 9 -0.20 3.57 -1.95
N TYR A 10 0.11 3.04 -0.76
CA TYR A 10 1.46 2.67 -0.40
C TYR A 10 2.27 3.87 0.05
#